data_6P3O
#
_entry.id   6P3O
#
_cell.length_a   103.473
_cell.length_b   103.473
_cell.length_c   82.161
_cell.angle_alpha   90.00
_cell.angle_beta   90.00
_cell.angle_gamma   120.00
#
_symmetry.space_group_name_H-M   'P 32 2 1'
#
loop_
_entity.id
_entity.type
_entity.pdbx_description
1 polymer 'Tetrahydroprotoberberine N-methyltransferase'
2 non-polymer S-ADENOSYL-L-HOMOCYSTEINE
3 non-polymer (5S,12bS)-5-methyl-6,7,12b,13-tetrahydro-2H,4H,10H-[1,3]dioxolo[4,5-g][1,3]dioxolo[7,8]isoquinolino[3,2-a]isoquinolin-5-ium
4 water water
#
_entity_poly.entity_id   1
_entity_poly.type   'polypeptide(L)'
_entity_poly.pdbx_seq_one_letter_code
;MGSSHHHHHHGTGSYITSLYKKAGWMGSNEAQVKKESIGEIMGKLMQGEIGDEELSKRIKEIFGKRLQWGYKPTHQQQLA
FNLDFIKSLKEMDMSGEIDTMNEETYELPSAFLEAAFGKTIKQSGCYFKDETTTIDEAEEASHELYCERAQIKDGQTVLD
IGCGQGGLVLHIAQKYKNCHVTGLTNSKAQKNYILMQAEKLQLSNVDVILADVTKHESDKTYDRILVIETIEHMKNIQLF
MKKLSTWMTEDSLLFVDHICHKTFSHHFEAIDEDDWYSGFIFPKGCVTILSASALLYFQDDVTILDHWVVNGMHMARSVD
AWRKKLDKNMELAREILLPGLGSKEAVNGVITHIRTFCMGGYEQFSYNNGEEWMVAQMLFKKK
;
_entity_poly.pdbx_strand_id   A
#
loop_
_chem_comp.id
_chem_comp.type
_chem_comp.name
_chem_comp.formula
SYT non-polymer (5S,12bS)-5-methyl-6,7,12b,13-tetrahydro-2H,4H,10H-[1,3]dioxolo[4,5-g][1,3]dioxolo[7,8]isoquinolino[3,2-a]isoquinolin-5-ium 'C20 H20 N O4 1'
#
# COMPACT_ATOMS: atom_id res chain seq x y z
N LYS A 35 27.10 22.51 -1.85
CA LYS A 35 25.82 22.26 -2.57
C LYS A 35 25.98 21.13 -3.59
N GLU A 36 25.01 20.21 -3.61
CA GLU A 36 24.98 19.09 -4.55
C GLU A 36 23.61 18.91 -5.19
N SER A 37 23.61 18.56 -6.48
CA SER A 37 22.39 18.40 -7.27
C SER A 37 21.67 17.07 -7.00
N ILE A 38 20.46 16.95 -7.53
CA ILE A 38 19.68 15.70 -7.50
C ILE A 38 20.46 14.59 -8.23
N GLY A 39 20.86 14.87 -9.47
CA GLY A 39 21.62 13.94 -10.32
C GLY A 39 22.93 13.42 -9.73
N GLU A 40 23.56 14.25 -8.90
CA GLU A 40 24.79 13.88 -8.18
C GLU A 40 24.51 12.81 -7.11
N ILE A 41 23.48 13.04 -6.29
CA ILE A 41 23.06 12.08 -5.26
C ILE A 41 22.51 10.81 -5.92
N MET A 42 21.71 11.01 -6.97
CA MET A 42 21.12 9.91 -7.75
C MET A 42 22.18 9.03 -8.42
N GLY A 43 23.22 9.66 -8.96
CA GLY A 43 24.37 8.95 -9.54
C GLY A 43 25.05 8.03 -8.56
N LYS A 44 25.40 8.58 -7.39
CA LYS A 44 26.05 7.83 -6.30
C LYS A 44 25.16 6.70 -5.77
N LEU A 45 23.85 6.95 -5.69
CA LEU A 45 22.87 5.94 -5.26
C LEU A 45 22.80 4.76 -6.21
N MET A 46 22.71 5.05 -7.52
CA MET A 46 22.63 4.04 -8.56
C MET A 46 23.93 3.23 -8.73
N GLN A 47 25.04 3.82 -8.32
CA GLN A 47 26.37 3.17 -8.35
C GLN A 47 26.71 2.44 -7.04
N GLY A 48 25.78 2.46 -6.08
CA GLY A 48 25.97 1.84 -4.77
C GLY A 48 27.08 2.46 -3.93
N GLU A 49 27.27 3.78 -4.10
CA GLU A 49 28.33 4.52 -3.42
C GLU A 49 27.87 5.23 -2.13
N ILE A 50 26.57 5.26 -1.89
CA ILE A 50 26.03 5.77 -0.64
C ILE A 50 25.80 4.60 0.31
N GLY A 51 26.50 4.61 1.44
CA GLY A 51 26.37 3.59 2.48
C GLY A 51 25.01 3.66 3.13
N ASP A 52 24.57 2.53 3.71
CA ASP A 52 23.25 2.45 4.36
C ASP A 52 23.01 3.50 5.44
N GLU A 53 24.05 3.80 6.22
CA GLU A 53 24.00 4.83 7.28
C GLU A 53 23.66 6.21 6.72
N GLU A 54 24.40 6.64 5.68
CA GLU A 54 24.19 7.94 5.02
C GLU A 54 22.86 7.99 4.28
N LEU A 55 22.48 6.88 3.64
CA LEU A 55 21.24 6.75 2.90
C LEU A 55 20.04 6.97 3.82
N SER A 56 20.05 6.26 4.96
CA SER A 56 19.02 6.39 5.99
C SER A 56 18.96 7.81 6.54
N LYS A 57 20.13 8.38 6.82
CA LYS A 57 20.27 9.74 7.34
C LYS A 57 19.66 10.78 6.38
N ARG A 58 19.99 10.65 5.10
CA ARG A 58 19.46 11.55 4.07
C ARG A 58 17.95 11.48 3.94
N ILE A 59 17.42 10.25 3.93
CA ILE A 59 15.99 10.06 3.78
C ILE A 59 15.23 10.51 5.04
N LYS A 60 15.78 10.21 6.22
CA LYS A 60 15.18 10.68 7.47
C LYS A 60 15.04 12.21 7.51
N GLU A 61 16.07 12.91 7.04
CA GLU A 61 16.08 14.37 6.95
C GLU A 61 14.97 14.89 6.03
N ILE A 62 14.78 14.21 4.90
CA ILE A 62 13.73 14.54 3.93
C ILE A 62 12.35 14.44 4.59
N PHE A 63 12.11 13.32 5.29
CA PHE A 63 10.86 13.16 6.03
C PHE A 63 10.70 14.14 7.18
N GLY A 64 11.82 14.45 7.84
CA GLY A 64 11.84 15.50 8.88
C GLY A 64 11.31 16.82 8.35
N LYS A 65 11.73 17.19 7.15
CA LYS A 65 11.25 18.42 6.49
C LYS A 65 9.76 18.34 6.13
N ARG A 66 9.28 17.14 5.79
CA ARG A 66 7.85 16.93 5.59
C ARG A 66 7.04 17.18 6.86
N LEU A 67 7.56 16.74 8.00
CA LEU A 67 6.90 16.99 9.29
C LEU A 67 6.83 18.47 9.62
N GLN A 68 7.90 19.20 9.31
CA GLN A 68 7.94 20.66 9.50
C GLN A 68 6.89 21.34 8.62
N TRP A 69 6.73 20.82 7.41
CA TRP A 69 5.76 21.33 6.44
C TRP A 69 4.33 21.06 6.89
N GLY A 70 4.09 19.91 7.51
CA GLY A 70 2.72 19.47 7.80
C GLY A 70 2.13 19.91 9.12
N TYR A 71 2.98 20.03 10.15
CA TYR A 71 2.54 20.44 11.48
C TYR A 71 2.39 21.96 11.55
N LYS A 72 1.24 22.39 12.07
CA LYS A 72 0.96 23.82 12.23
C LYS A 72 0.98 24.19 13.70
N PRO A 73 1.22 25.48 14.03
CA PRO A 73 1.38 25.92 15.43
C PRO A 73 0.14 25.76 16.32
N THR A 74 -1.05 25.79 15.72
CA THR A 74 -2.31 25.73 16.47
C THR A 74 -3.23 24.74 15.79
N HIS A 75 -4.19 24.19 16.53
CA HIS A 75 -5.14 23.28 15.92
C HIS A 75 -6.02 24.01 14.91
N GLN A 76 -6.28 25.29 15.17
CA GLN A 76 -7.00 26.15 14.23
C GLN A 76 -6.31 26.13 12.88
N GLN A 77 -5.01 26.39 12.87
CA GLN A 77 -4.21 26.35 11.65
C GLN A 77 -4.07 24.96 11.09
N GLN A 78 -3.98 23.96 11.96
CA GLN A 78 -3.87 22.58 11.50
C GLN A 78 -5.10 22.17 10.70
N LEU A 79 -6.29 22.50 11.22
CA LEU A 79 -7.53 22.17 10.53
C LEU A 79 -7.73 22.96 9.26
N ALA A 80 -7.30 24.23 9.26
CA ALA A 80 -7.35 25.04 8.05
C ALA A 80 -6.52 24.38 6.93
N PHE A 81 -5.30 23.98 7.29
CA PHE A 81 -4.38 23.27 6.40
C PHE A 81 -4.99 21.95 5.92
N ASN A 82 -5.51 21.17 6.87
CA ASN A 82 -6.07 19.84 6.55
C ASN A 82 -7.30 19.92 5.66
N LEU A 83 -8.19 20.88 5.96
CA LEU A 83 -9.39 21.05 5.16
C LEU A 83 -9.12 21.58 3.77
N ASP A 84 -8.10 22.45 3.64
CA ASP A 84 -7.68 22.90 2.32
C ASP A 84 -7.25 21.71 1.47
N PHE A 85 -6.52 20.78 2.09
CA PHE A 85 -6.09 19.57 1.39
C PHE A 85 -7.29 18.72 0.95
N ILE A 86 -8.20 18.49 1.88
CA ILE A 86 -9.43 17.72 1.63
C ILE A 86 -10.28 18.36 0.51
N LYS A 87 -10.47 19.68 0.58
CA LYS A 87 -11.23 20.39 -0.46
C LYS A 87 -10.58 20.26 -1.84
N SER A 88 -9.24 20.32 -1.89
CA SER A 88 -8.50 20.19 -3.16
C SER A 88 -8.70 18.80 -3.79
N LEU A 89 -8.81 17.77 -2.96
CA LEU A 89 -9.08 16.41 -3.43
C LEU A 89 -10.46 16.28 -4.06
N LYS A 90 -11.42 17.07 -3.56
CA LYS A 90 -12.78 17.05 -4.07
C LYS A 90 -12.90 17.81 -5.40
N GLU A 91 -11.94 18.71 -5.66
CA GLU A 91 -11.85 19.45 -6.93
C GLU A 91 -11.23 18.61 -8.05
N MET A 92 -10.53 17.54 -7.65
CA MET A 92 -9.96 16.56 -8.58
C MET A 92 -11.03 15.63 -9.19
N ASP A 93 -12.29 16.00 -8.97
CA ASP A 93 -13.46 15.40 -9.61
C ASP A 93 -13.68 15.98 -11.00
N MET A 94 -13.21 17.22 -11.21
CA MET A 94 -13.31 17.95 -12.46
C MET A 94 -12.51 17.30 -13.60
N SER A 95 -11.24 17.02 -13.33
CA SER A 95 -10.33 16.42 -14.33
C SER A 95 -10.32 14.90 -14.26
N GLU A 104 3.58 3.27 -11.96
CA GLU A 104 4.22 2.64 -10.80
C GLU A 104 4.84 1.28 -11.16
N THR A 105 4.28 0.63 -12.19
CA THR A 105 4.68 -0.70 -12.68
C THR A 105 4.52 -1.82 -11.64
N TYR A 106 3.35 -2.44 -11.66
CA TYR A 106 3.06 -3.64 -10.85
C TYR A 106 3.15 -4.91 -11.70
N GLU A 107 3.92 -4.83 -12.80
CA GLU A 107 4.06 -5.92 -13.76
C GLU A 107 5.47 -6.55 -13.75
N LEU A 108 6.10 -6.52 -12.58
CA LEU A 108 7.37 -7.21 -12.34
C LEU A 108 7.15 -8.73 -12.27
N PRO A 109 8.18 -9.54 -12.65
CA PRO A 109 8.03 -11.01 -12.62
C PRO A 109 7.81 -11.58 -11.22
N SER A 110 6.93 -12.58 -11.13
CA SER A 110 6.54 -13.23 -9.87
C SER A 110 7.72 -13.80 -9.10
N ALA A 111 8.67 -14.40 -9.82
CA ALA A 111 9.87 -14.99 -9.22
C ALA A 111 10.73 -13.97 -8.45
N PHE A 112 10.82 -12.75 -8.99
CA PHE A 112 11.52 -11.66 -8.32
C PHE A 112 10.79 -11.21 -7.05
N LEU A 113 9.47 -11.01 -7.19
CA LEU A 113 8.63 -10.58 -6.07
C LEU A 113 8.66 -11.60 -4.93
N GLU A 114 8.68 -12.88 -5.29
CA GLU A 114 8.87 -14.00 -4.36
C GLU A 114 10.19 -13.94 -3.59
N ALA A 115 11.24 -13.46 -4.26
CA ALA A 115 12.57 -13.35 -3.65
C ALA A 115 12.71 -12.16 -2.70
N ALA A 116 11.84 -11.15 -2.84
CA ALA A 116 11.90 -9.93 -2.04
C ALA A 116 10.84 -9.87 -0.93
N PHE A 117 9.63 -10.31 -1.24
CA PHE A 117 8.52 -10.20 -0.29
C PHE A 117 8.27 -11.52 0.42
N GLY A 118 7.30 -11.54 1.32
CA GLY A 118 6.94 -12.76 2.04
C GLY A 118 6.23 -13.77 1.17
N LYS A 119 5.87 -14.89 1.78
CA LYS A 119 5.28 -16.06 1.11
C LYS A 119 4.09 -15.76 0.20
N THR A 120 3.18 -14.89 0.65
CA THR A 120 2.01 -14.53 -0.16
C THR A 120 2.23 -13.25 -0.97
N ILE A 121 3.46 -12.74 -0.96
CA ILE A 121 3.89 -11.54 -1.68
C ILE A 121 2.98 -10.34 -1.33
N LYS A 122 2.69 -10.19 -0.04
CA LYS A 122 1.91 -9.07 0.44
C LYS A 122 2.71 -7.79 0.24
N GLN A 123 2.07 -6.79 -0.35
CA GLN A 123 2.72 -5.50 -0.64
C GLN A 123 1.96 -4.41 0.08
N SER A 124 1.98 -4.53 1.40
CA SER A 124 1.26 -3.63 2.30
C SER A 124 1.79 -3.94 3.68
N GLY A 125 1.53 -3.04 4.61
CA GLY A 125 1.99 -3.18 5.99
C GLY A 125 1.50 -4.46 6.61
N CYS A 126 2.43 -5.16 7.26
CA CYS A 126 2.10 -6.41 7.93
C CYS A 126 2.05 -6.14 9.42
N TYR A 127 1.76 -7.16 10.21
CA TYR A 127 1.61 -6.98 11.64
C TYR A 127 2.54 -7.93 12.38
N PHE A 128 3.40 -7.37 13.23
CA PHE A 128 4.44 -8.13 13.94
C PHE A 128 4.19 -8.17 15.43
N LYS A 129 3.76 -9.33 15.93
CA LYS A 129 3.54 -9.53 17.37
C LYS A 129 4.84 -9.45 18.18
N ASP A 130 5.86 -10.16 17.70
CA ASP A 130 7.13 -10.34 18.42
C ASP A 130 8.31 -9.75 17.67
N GLU A 131 9.44 -9.59 18.36
CA GLU A 131 10.70 -9.18 17.76
C GLU A 131 11.20 -10.23 16.75
N THR A 132 10.83 -11.49 17.00
CA THR A 132 11.22 -12.63 16.17
C THR A 132 10.17 -13.05 15.14
N THR A 133 9.06 -12.31 15.04
CA THR A 133 8.02 -12.58 14.04
C THR A 133 8.61 -12.46 12.64
N THR A 134 8.41 -13.50 11.83
CA THR A 134 8.89 -13.52 10.46
C THR A 134 7.91 -12.77 9.57
N ILE A 135 8.39 -12.38 8.39
CA ILE A 135 7.50 -11.74 7.41
C ILE A 135 6.30 -12.64 7.03
N ASP A 136 6.52 -13.94 6.89
CA ASP A 136 5.42 -14.88 6.62
C ASP A 136 4.35 -14.86 7.71
N GLU A 137 4.80 -14.88 8.97
CA GLU A 137 3.89 -14.80 10.11
C GLU A 137 3.18 -13.45 10.18
N ALA A 138 3.91 -12.39 9.86
CA ALA A 138 3.37 -11.04 9.88
C ALA A 138 2.28 -10.82 8.82
N GLU A 139 2.47 -11.42 7.64
CA GLU A 139 1.47 -11.38 6.57
C GLU A 139 0.18 -12.04 7.04
N GLU A 140 0.31 -13.25 7.59
CA GLU A 140 -0.84 -14.00 8.12
C GLU A 140 -1.56 -13.23 9.24
N ALA A 141 -0.78 -12.65 10.15
CA ALA A 141 -1.34 -11.85 11.24
C ALA A 141 -2.11 -10.65 10.71
N SER A 142 -1.59 -10.00 9.66
CA SER A 142 -2.24 -8.86 9.03
C SER A 142 -3.55 -9.30 8.34
N HIS A 143 -3.50 -10.41 7.62
CA HIS A 143 -4.71 -10.98 7.00
C HIS A 143 -5.79 -11.28 8.04
N GLU A 144 -5.38 -11.87 9.17
CA GLU A 144 -6.29 -12.15 10.27
C GLU A 144 -6.88 -10.88 10.87
N LEU A 145 -6.03 -9.88 11.05
CA LEU A 145 -6.47 -8.57 11.51
C LEU A 145 -7.54 -7.96 10.59
N TYR A 146 -7.32 -8.01 9.27
CA TYR A 146 -8.32 -7.52 8.31
C TYR A 146 -9.62 -8.27 8.42
N CYS A 147 -9.54 -9.61 8.52
CA CYS A 147 -10.75 -10.44 8.64
C CYS A 147 -11.56 -10.12 9.87
N GLU A 148 -10.88 -9.90 10.99
CA GLU A 148 -11.53 -9.51 12.26
C GLU A 148 -12.20 -8.15 12.12
N ARG A 149 -11.46 -7.16 11.63
CA ARG A 149 -11.94 -5.78 11.60
C ARG A 149 -12.98 -5.54 10.52
N ALA A 150 -12.88 -6.28 9.41
CA ALA A 150 -13.88 -6.19 8.35
C ALA A 150 -15.08 -7.10 8.62
N GLN A 151 -15.04 -7.82 9.73
CA GLN A 151 -16.14 -8.70 10.18
C GLN A 151 -16.50 -9.73 9.10
N ILE A 152 -15.45 -10.39 8.59
CA ILE A 152 -15.60 -11.44 7.60
C ILE A 152 -16.21 -12.65 8.28
N LYS A 153 -17.23 -13.22 7.64
CA LYS A 153 -17.92 -14.41 8.11
C LYS A 153 -18.09 -15.36 6.95
N ASP A 154 -18.08 -16.65 7.25
CA ASP A 154 -18.25 -17.68 6.22
C ASP A 154 -19.60 -17.47 5.50
N GLY A 155 -19.57 -17.60 4.18
CA GLY A 155 -20.77 -17.44 3.35
C GLY A 155 -20.90 -16.11 2.64
N GLN A 156 -20.09 -15.14 3.03
CA GLN A 156 -20.16 -13.80 2.44
C GLN A 156 -19.55 -13.75 1.06
N THR A 157 -20.06 -12.85 0.24
CA THR A 157 -19.38 -12.46 -1.00
C THR A 157 -18.41 -11.35 -0.66
N VAL A 158 -17.18 -11.49 -1.12
CA VAL A 158 -16.10 -10.60 -0.72
C VAL A 158 -15.42 -10.07 -1.96
N LEU A 159 -15.24 -8.75 -2.02
CA LEU A 159 -14.47 -8.13 -3.09
C LEU A 159 -13.24 -7.47 -2.50
N ASP A 160 -12.08 -7.78 -3.08
CA ASP A 160 -10.83 -7.16 -2.64
C ASP A 160 -10.32 -6.28 -3.77
N ILE A 161 -10.37 -4.98 -3.53
CA ILE A 161 -10.04 -3.98 -4.56
C ILE A 161 -8.56 -3.63 -4.53
N GLY A 162 -7.90 -3.86 -5.67
CA GLY A 162 -6.45 -3.73 -5.77
C GLY A 162 -5.82 -4.85 -4.97
N CYS A 163 -6.13 -6.08 -5.35
CA CYS A 163 -5.82 -7.27 -4.56
C CYS A 163 -4.34 -7.71 -4.62
N GLY A 164 -3.53 -7.06 -5.46
CA GLY A 164 -2.10 -7.36 -5.56
C GLY A 164 -1.88 -8.79 -5.97
N GLN A 165 -0.99 -9.48 -5.26
CA GLN A 165 -0.70 -10.89 -5.54
CA GLN A 165 -0.70 -10.89 -5.51
C GLN A 165 -1.71 -11.82 -4.84
N GLY A 166 -2.75 -11.22 -4.26
CA GLY A 166 -3.92 -11.95 -3.77
C GLY A 166 -3.83 -12.68 -2.44
N GLY A 167 -2.86 -12.30 -1.61
CA GLY A 167 -2.67 -12.92 -0.29
C GLY A 167 -3.93 -12.94 0.56
N LEU A 168 -4.59 -11.78 0.62
CA LEU A 168 -5.82 -11.65 1.40
C LEU A 168 -6.97 -12.43 0.76
N VAL A 169 -7.10 -12.35 -0.56
CA VAL A 169 -8.09 -13.14 -1.33
C VAL A 169 -7.94 -14.64 -1.03
N LEU A 170 -6.72 -15.14 -1.12
CA LEU A 170 -6.45 -16.56 -0.88
C LEU A 170 -6.65 -16.95 0.58
N HIS A 171 -6.28 -16.04 1.49
CA HIS A 171 -6.48 -16.23 2.93
C HIS A 171 -7.95 -16.44 3.25
N ILE A 172 -8.79 -15.52 2.77
CA ILE A 172 -10.23 -15.59 3.04
C ILE A 172 -10.84 -16.82 2.36
N ALA A 173 -10.45 -17.08 1.11
CA ALA A 173 -10.99 -18.24 0.37
C ALA A 173 -10.70 -19.57 1.07
N GLN A 174 -9.50 -19.69 1.64
CA GLN A 174 -9.08 -20.91 2.33
C GLN A 174 -9.74 -21.05 3.71
N LYS A 175 -9.82 -19.94 4.44
CA LYS A 175 -10.38 -19.93 5.79
C LYS A 175 -11.90 -20.06 5.80
N TYR A 176 -12.55 -19.48 4.78
CA TYR A 176 -14.00 -19.44 4.73
C TYR A 176 -14.47 -20.06 3.40
N LYS A 177 -14.66 -21.38 3.41
CA LYS A 177 -14.93 -22.14 2.20
C LYS A 177 -16.25 -21.80 1.50
N ASN A 178 -17.20 -21.25 2.27
CA ASN A 178 -18.48 -20.84 1.73
C ASN A 178 -18.52 -19.38 1.27
N CYS A 179 -17.44 -18.64 1.53
CA CYS A 179 -17.29 -17.31 0.95
C CYS A 179 -17.01 -17.45 -0.53
N HIS A 180 -17.51 -16.52 -1.32
CA HIS A 180 -17.03 -16.36 -2.68
C HIS A 180 -16.22 -15.09 -2.68
N VAL A 181 -14.95 -15.22 -3.09
CA VAL A 181 -13.99 -14.11 -2.96
C VAL A 181 -13.53 -13.68 -4.34
N THR A 182 -13.70 -12.40 -4.62
CA THR A 182 -13.30 -11.81 -5.89
C THR A 182 -12.18 -10.81 -5.62
N GLY A 183 -11.05 -11.00 -6.30
CA GLY A 183 -10.02 -9.98 -6.34
C GLY A 183 -10.22 -9.12 -7.57
N LEU A 184 -9.92 -7.83 -7.45
CA LEU A 184 -9.95 -6.95 -8.60
C LEU A 184 -8.58 -6.28 -8.70
N THR A 185 -7.97 -6.39 -9.87
CA THR A 185 -6.67 -5.79 -10.13
C THR A 185 -6.58 -5.33 -11.57
N ASN A 186 -5.75 -4.31 -11.80
CA ASN A 186 -5.51 -3.81 -13.15
C ASN A 186 -4.30 -4.49 -13.81
N SER A 187 -3.71 -5.45 -13.10
CA SER A 187 -2.51 -6.15 -13.56
C SER A 187 -2.81 -7.57 -14.03
N LYS A 188 -2.53 -7.84 -15.31
CA LYS A 188 -2.65 -9.18 -15.90
C LYS A 188 -1.80 -10.20 -15.17
N ALA A 189 -0.56 -9.82 -14.87
CA ALA A 189 0.38 -10.66 -14.14
C ALA A 189 -0.16 -11.05 -12.78
N GLN A 190 -0.72 -10.08 -12.05
CA GLN A 190 -1.32 -10.34 -10.75
C GLN A 190 -2.51 -11.29 -10.84
N LYS A 191 -3.42 -11.05 -11.79
CA LYS A 191 -4.57 -11.93 -12.00
C LYS A 191 -4.10 -13.37 -12.24
N ASN A 192 -3.13 -13.51 -13.13
CA ASN A 192 -2.59 -14.80 -13.51
C ASN A 192 -1.92 -15.52 -12.34
N TYR A 193 -1.20 -14.77 -11.50
CA TYR A 193 -0.58 -15.33 -10.31
C TYR A 193 -1.63 -15.86 -9.32
N ILE A 194 -2.67 -15.06 -9.06
CA ILE A 194 -3.74 -15.44 -8.14
C ILE A 194 -4.46 -16.70 -8.61
N LEU A 195 -4.81 -16.74 -9.90
CA LEU A 195 -5.54 -17.90 -10.45
C LEU A 195 -4.69 -19.17 -10.34
N MET A 196 -3.40 -19.05 -10.62
CA MET A 196 -2.50 -20.18 -10.48
C MET A 196 -2.41 -20.65 -9.02
N GLN A 197 -2.26 -19.70 -8.10
CA GLN A 197 -2.21 -20.04 -6.68
C GLN A 197 -3.50 -20.69 -6.19
N ALA A 198 -4.65 -20.16 -6.62
CA ALA A 198 -5.95 -20.74 -6.25
C ALA A 198 -6.06 -22.19 -6.72
N GLU A 199 -5.58 -22.45 -7.93
CA GLU A 199 -5.52 -23.80 -8.48
C GLU A 199 -4.62 -24.73 -7.65
N LYS A 200 -3.42 -24.26 -7.31
CA LYS A 200 -2.47 -25.04 -6.51
C LYS A 200 -3.00 -25.31 -5.10
N LEU A 201 -3.77 -24.38 -4.55
CA LEU A 201 -4.33 -24.48 -3.21
C LEU A 201 -5.70 -25.15 -3.16
N GLN A 202 -6.17 -25.67 -4.31
CA GLN A 202 -7.47 -26.36 -4.44
CA GLN A 202 -7.47 -26.34 -4.44
C GLN A 202 -8.62 -25.44 -3.95
N LEU A 203 -8.52 -24.16 -4.27
CA LEU A 203 -9.56 -23.19 -3.92
C LEU A 203 -10.49 -23.02 -5.11
N SER A 204 -11.78 -23.25 -4.90
CA SER A 204 -12.76 -23.17 -5.97
C SER A 204 -13.65 -21.95 -5.85
N ASN A 205 -13.37 -21.11 -4.86
CA ASN A 205 -14.22 -19.96 -4.51
C ASN A 205 -13.56 -18.60 -4.77
N VAL A 206 -12.65 -18.58 -5.75
CA VAL A 206 -11.89 -17.38 -6.11
C VAL A 206 -12.17 -17.02 -7.57
N ASP A 207 -12.45 -15.75 -7.83
CA ASP A 207 -12.35 -15.22 -9.18
C ASP A 207 -11.58 -13.89 -9.13
N VAL A 208 -11.05 -13.50 -10.27
CA VAL A 208 -10.32 -12.24 -10.38
C VAL A 208 -10.91 -11.44 -11.53
N ILE A 209 -11.25 -10.20 -11.23
CA ILE A 209 -11.65 -9.25 -12.24
C ILE A 209 -10.40 -8.47 -12.65
N LEU A 210 -10.09 -8.49 -13.95
CA LEU A 210 -9.06 -7.64 -14.51
C LEU A 210 -9.72 -6.35 -14.98
N ALA A 211 -9.49 -5.29 -14.21
CA ALA A 211 -10.08 -3.98 -14.49
C ALA A 211 -9.33 -2.85 -13.79
N ASP A 212 -9.35 -1.68 -14.43
CA ASP A 212 -9.08 -0.43 -13.75
C ASP A 212 -10.33 -0.16 -12.93
N VAL A 213 -10.19 -0.14 -11.60
CA VAL A 213 -11.34 0.02 -10.69
C VAL A 213 -12.13 1.31 -10.96
N THR A 214 -11.43 2.36 -11.42
CA THR A 214 -12.07 3.66 -11.69
C THR A 214 -12.94 3.62 -12.95
N LYS A 215 -12.74 2.60 -13.78
CA LYS A 215 -13.47 2.44 -15.05
C LYS A 215 -14.45 1.25 -15.03
N HIS A 216 -14.31 0.38 -14.03
CA HIS A 216 -15.11 -0.84 -13.92
C HIS A 216 -16.59 -0.54 -13.65
N GLU A 217 -17.45 -1.07 -14.51
CA GLU A 217 -18.89 -0.90 -14.37
C GLU A 217 -19.53 -2.25 -14.11
N SER A 218 -20.31 -2.33 -13.04
CA SER A 218 -21.01 -3.55 -12.66
C SER A 218 -22.20 -3.25 -11.76
N ASP A 219 -23.26 -4.05 -11.95
CA ASP A 219 -24.42 -4.02 -11.07
C ASP A 219 -24.28 -4.98 -9.88
N LYS A 220 -23.21 -5.78 -9.89
CA LYS A 220 -22.90 -6.74 -8.83
C LYS A 220 -22.67 -6.02 -7.50
N THR A 221 -23.19 -6.62 -6.43
CA THR A 221 -22.96 -6.12 -5.09
C THR A 221 -22.27 -7.19 -4.25
N TYR A 222 -21.63 -6.78 -3.16
CA TYR A 222 -20.84 -7.66 -2.31
C TYR A 222 -21.14 -7.40 -0.86
N ASP A 223 -21.12 -8.45 -0.04
CA ASP A 223 -21.31 -8.32 1.41
C ASP A 223 -20.16 -7.57 2.06
N ARG A 224 -18.95 -7.75 1.52
CA ARG A 224 -17.75 -7.15 2.07
C ARG A 224 -16.88 -6.66 0.94
N ILE A 225 -16.46 -5.40 1.05
CA ILE A 225 -15.49 -4.82 0.14
C ILE A 225 -14.27 -4.43 0.97
N LEU A 226 -13.10 -4.89 0.52
CA LEU A 226 -11.85 -4.61 1.20
C LEU A 226 -10.95 -3.81 0.28
N VAL A 227 -10.32 -2.77 0.82
CA VAL A 227 -9.42 -1.94 0.03
C VAL A 227 -8.16 -1.77 0.86
N ILE A 228 -7.13 -2.55 0.54
CA ILE A 228 -5.92 -2.58 1.37
C ILE A 228 -4.80 -1.86 0.64
N GLU A 229 -4.51 -0.65 1.12
CA GLU A 229 -3.44 0.18 0.57
C GLU A 229 -3.51 0.38 -0.95
N THR A 230 -4.73 0.60 -1.41
CA THR A 230 -5.06 0.87 -2.81
C THR A 230 -5.58 2.31 -2.97
N ILE A 231 -6.26 2.82 -1.95
CA ILE A 231 -6.88 4.15 -2.01
C ILE A 231 -5.82 5.27 -2.19
N GLU A 232 -4.59 5.00 -1.78
CA GLU A 232 -3.47 5.94 -1.97
C GLU A 232 -3.18 6.21 -3.45
N HIS A 233 -3.63 5.31 -4.31
CA HIS A 233 -3.45 5.45 -5.76
C HIS A 233 -4.63 6.11 -6.45
N MET A 234 -5.65 6.47 -5.68
CA MET A 234 -6.89 6.97 -6.28
C MET A 234 -6.83 8.46 -6.52
N LYS A 235 -6.96 8.82 -7.80
CA LYS A 235 -6.93 10.22 -8.26
C LYS A 235 -8.16 10.97 -7.74
N ASN A 236 -9.29 10.27 -7.69
CA ASN A 236 -10.58 10.83 -7.30
C ASN A 236 -11.23 9.99 -6.20
N ILE A 237 -11.05 10.43 -4.96
CA ILE A 237 -11.50 9.66 -3.77
C ILE A 237 -13.03 9.70 -3.59
N GLN A 238 -13.63 10.90 -3.69
CA GLN A 238 -15.08 11.05 -3.56
C GLN A 238 -15.83 10.16 -4.56
N LEU A 239 -15.40 10.15 -5.82
CA LEU A 239 -15.99 9.29 -6.85
C LEU A 239 -15.69 7.81 -6.61
N PHE A 240 -14.50 7.52 -6.08
CA PHE A 240 -14.12 6.15 -5.71
C PHE A 240 -15.07 5.61 -4.63
N MET A 241 -15.25 6.37 -3.55
CA MET A 241 -16.16 5.97 -2.45
C MET A 241 -17.61 5.84 -2.92
N LYS A 242 -18.04 6.77 -3.78
CA LYS A 242 -19.35 6.69 -4.43
C LYS A 242 -19.51 5.38 -5.23
N LYS A 243 -18.52 5.07 -6.06
CA LYS A 243 -18.55 3.85 -6.88
C LYS A 243 -18.65 2.59 -6.00
N LEU A 244 -17.85 2.56 -4.93
CA LEU A 244 -17.85 1.45 -3.97
C LEU A 244 -19.21 1.26 -3.33
N SER A 245 -19.87 2.37 -2.99
CA SER A 245 -21.18 2.34 -2.36
C SER A 245 -22.24 1.70 -3.26
N THR A 246 -22.09 1.86 -4.58
CA THR A 246 -23.02 1.23 -5.54
C THR A 246 -22.83 -0.28 -5.63
N TRP A 247 -21.70 -0.76 -5.12
CA TRP A 247 -21.39 -2.20 -5.10
C TRP A 247 -21.71 -2.80 -3.73
N MET A 248 -22.42 -2.02 -2.92
CA MET A 248 -22.82 -2.45 -1.59
C MET A 248 -24.33 -2.46 -1.50
N THR A 249 -24.85 -3.32 -0.62
CA THR A 249 -26.24 -3.27 -0.21
C THR A 249 -26.28 -2.72 1.21
N GLU A 250 -27.49 -2.66 1.77
CA GLU A 250 -27.71 -2.24 3.16
C GLU A 250 -26.97 -3.11 4.19
N ASP A 251 -26.67 -4.34 3.82
CA ASP A 251 -26.03 -5.31 4.73
C ASP A 251 -24.51 -5.36 4.57
N SER A 252 -23.98 -4.61 3.60
CA SER A 252 -22.55 -4.66 3.27
C SER A 252 -21.68 -3.85 4.22
N LEU A 253 -20.42 -4.24 4.33
CA LEU A 253 -19.41 -3.42 4.98
C LEU A 253 -18.24 -3.20 4.06
N LEU A 254 -17.64 -2.03 4.21
CA LEU A 254 -16.46 -1.61 3.45
C LEU A 254 -15.33 -1.37 4.44
N PHE A 255 -14.20 -2.02 4.18
CA PHE A 255 -13.01 -1.88 5.02
C PHE A 255 -11.88 -1.32 4.18
N VAL A 256 -11.34 -0.20 4.65
CA VAL A 256 -10.24 0.50 3.97
C VAL A 256 -9.05 0.56 4.91
N ASP A 257 -7.89 0.21 4.38
CA ASP A 257 -6.63 0.30 5.09
C ASP A 257 -5.75 1.19 4.20
N HIS A 258 -5.16 2.24 4.77
CA HIS A 258 -4.26 3.10 3.99
C HIS A 258 -3.10 3.63 4.80
N ILE A 259 -1.94 3.76 4.14
CA ILE A 259 -0.84 4.47 4.74
C ILE A 259 -1.30 5.89 5.03
N CYS A 260 -0.92 6.40 6.20
CA CYS A 260 -1.34 7.71 6.62
C CYS A 260 -0.24 8.44 7.37
N HIS A 261 -0.44 9.73 7.58
CA HIS A 261 0.23 10.40 8.66
C HIS A 261 -0.84 10.67 9.71
N LYS A 262 -0.47 10.64 10.98
CA LYS A 262 -1.48 10.77 12.03
C LYS A 262 -2.21 12.12 12.07
N THR A 263 -1.56 13.16 11.54
CA THR A 263 -2.02 14.54 11.70
C THR A 263 -2.43 15.26 10.41
N PHE A 264 -1.64 15.08 9.36
CA PHE A 264 -1.86 15.82 8.11
C PHE A 264 -1.80 14.89 6.90
N SER A 265 -2.27 15.41 5.78
CA SER A 265 -2.21 14.69 4.51
C SER A 265 -1.13 15.32 3.63
N HIS A 266 -0.59 14.54 2.71
CA HIS A 266 0.32 15.08 1.71
C HIS A 266 0.40 14.17 0.51
N HIS A 267 0.62 14.76 -0.66
CA HIS A 267 0.98 13.98 -1.81
C HIS A 267 2.41 13.48 -1.58
N PHE A 268 2.69 12.26 -2.03
CA PHE A 268 4.03 11.71 -1.91
C PHE A 268 4.83 12.28 -3.07
N GLU A 269 5.48 13.40 -2.77
CA GLU A 269 6.20 14.21 -3.76
C GLU A 269 7.22 15.06 -3.05
N ALA A 270 8.15 15.62 -3.81
CA ALA A 270 9.19 16.50 -3.28
C ALA A 270 8.59 17.84 -2.84
N ILE A 271 8.91 18.25 -1.61
CA ILE A 271 8.62 19.61 -1.14
C ILE A 271 9.49 20.60 -1.90
N ASP A 272 10.79 20.31 -1.93
CA ASP A 272 11.79 21.20 -2.51
C ASP A 272 12.76 20.45 -3.41
N GLU A 273 13.71 21.18 -3.99
CA GLU A 273 14.73 20.63 -4.88
C GLU A 273 15.72 19.69 -4.19
N ASP A 274 15.83 19.79 -2.86
CA ASP A 274 16.70 18.91 -2.07
C ASP A 274 16.19 17.47 -1.96
N ASP A 275 14.89 17.27 -2.21
CA ASP A 275 14.28 15.94 -2.13
C ASP A 275 14.42 15.16 -3.46
N TRP A 276 15.46 14.34 -3.52
CA TRP A 276 15.70 13.41 -4.63
C TRP A 276 14.86 12.14 -4.49
N TYR A 277 14.42 11.88 -3.26
CA TYR A 277 13.85 10.59 -2.87
C TYR A 277 12.41 10.35 -3.36
N SER A 278 11.52 11.29 -3.07
CA SER A 278 10.07 11.08 -3.29
C SER A 278 9.68 10.77 -4.74
N GLY A 279 10.23 11.54 -5.68
CA GLY A 279 9.94 11.40 -7.11
C GLY A 279 10.62 10.20 -7.74
N PHE A 280 11.71 9.75 -7.12
CA PHE A 280 12.37 8.50 -7.49
C PHE A 280 11.51 7.28 -7.13
N ILE A 281 10.88 7.33 -5.95
CA ILE A 281 10.04 6.23 -5.47
C ILE A 281 8.70 6.13 -6.23
N PHE A 282 8.00 7.25 -6.33
CA PHE A 282 6.72 7.31 -7.05
C PHE A 282 6.70 8.47 -8.05
N PRO A 283 6.09 8.26 -9.24
CA PRO A 283 5.88 9.37 -10.20
C PRO A 283 4.97 10.44 -9.62
N LYS A 284 5.04 11.66 -10.15
CA LYS A 284 4.21 12.77 -9.68
C LYS A 284 2.72 12.48 -9.86
N GLY A 285 1.96 12.65 -8.78
CA GLY A 285 0.51 12.43 -8.77
C GLY A 285 0.05 11.00 -8.59
N CYS A 286 1.00 10.08 -8.37
CA CYS A 286 0.67 8.67 -8.20
C CYS A 286 0.07 8.35 -6.83
N VAL A 287 0.74 8.83 -5.77
CA VAL A 287 0.44 8.41 -4.39
C VAL A 287 0.09 9.60 -3.49
N THR A 288 -1.04 9.47 -2.80
CA THR A 288 -1.47 10.43 -1.77
C THR A 288 -1.43 9.73 -0.41
N ILE A 289 -0.81 10.42 0.56
CA ILE A 289 -0.79 9.97 1.95
C ILE A 289 -1.83 10.79 2.70
N LEU A 290 -2.99 10.17 2.92
CA LEU A 290 -4.07 10.84 3.66
C LEU A 290 -3.73 10.88 5.14
N SER A 291 -4.23 11.89 5.84
CA SER A 291 -4.15 11.87 7.31
C SER A 291 -4.98 10.69 7.83
N ALA A 292 -4.70 10.29 9.06
CA ALA A 292 -5.45 9.22 9.70
C ALA A 292 -6.97 9.50 9.77
N SER A 293 -7.36 10.76 9.67
CA SER A 293 -8.78 11.12 9.74
C SER A 293 -9.39 11.64 8.42
N ALA A 294 -8.58 11.72 7.36
CA ALA A 294 -9.02 12.33 6.09
C ALA A 294 -10.27 11.67 5.53
N LEU A 295 -10.37 10.36 5.61
CA LEU A 295 -11.51 9.66 5.04
C LEU A 295 -12.84 9.90 5.76
N LEU A 296 -12.78 10.43 6.99
CA LEU A 296 -13.98 10.85 7.72
C LEU A 296 -14.71 11.97 6.99
N TYR A 297 -14.00 12.68 6.13
CA TYR A 297 -14.56 13.79 5.35
C TYR A 297 -15.10 13.31 4.00
N PHE A 298 -15.09 12.00 3.79
CA PHE A 298 -15.56 11.40 2.54
C PHE A 298 -16.72 10.45 2.80
N GLN A 299 -17.67 10.93 3.60
CA GLN A 299 -18.85 10.16 3.97
C GLN A 299 -20.14 10.61 3.26
N ASP A 300 -20.03 11.05 2.01
CA ASP A 300 -21.20 11.39 1.19
C ASP A 300 -22.10 10.17 0.95
N ASP A 301 -21.48 9.01 0.75
CA ASP A 301 -22.15 7.81 0.27
C ASP A 301 -21.95 6.58 1.16
N VAL A 302 -21.00 6.69 2.08
CA VAL A 302 -20.75 5.66 3.09
C VAL A 302 -20.70 6.31 4.46
N THR A 303 -20.93 5.53 5.52
CA THR A 303 -20.98 6.03 6.90
C THR A 303 -20.01 5.24 7.74
N ILE A 304 -19.17 5.95 8.50
CA ILE A 304 -18.17 5.32 9.37
C ILE A 304 -18.81 4.52 10.53
N LEU A 305 -18.27 3.33 10.77
CA LEU A 305 -18.65 2.51 11.90
C LEU A 305 -17.51 2.33 12.89
N ASP A 306 -16.29 2.24 12.38
CA ASP A 306 -15.12 2.12 13.27
C ASP A 306 -13.89 2.66 12.57
N HIS A 307 -12.87 2.92 13.37
CA HIS A 307 -11.69 3.66 12.92
C HIS A 307 -10.54 3.22 13.83
N TRP A 308 -9.44 2.80 13.22
CA TRP A 308 -8.25 2.39 13.93
C TRP A 308 -7.01 2.93 13.24
N VAL A 309 -5.91 2.97 13.98
CA VAL A 309 -4.59 3.03 13.33
C VAL A 309 -3.71 1.93 13.86
N VAL A 310 -2.78 1.51 13.03
CA VAL A 310 -1.75 0.55 13.41
C VAL A 310 -0.45 1.32 13.40
N ASN A 311 0.26 1.30 14.54
CA ASN A 311 1.51 2.05 14.72
C ASN A 311 2.51 1.74 13.60
N GLY A 312 3.26 2.75 13.19
CA GLY A 312 4.16 2.68 12.05
C GLY A 312 5.28 1.65 12.13
N MET A 313 5.64 1.24 13.35
CA MET A 313 6.70 0.22 13.52
C MET A 313 6.37 -1.09 12.81
N HIS A 314 5.09 -1.40 12.67
CA HIS A 314 4.68 -2.58 11.91
C HIS A 314 5.02 -2.50 10.44
N MET A 315 4.73 -1.35 9.84
CA MET A 315 5.17 -1.08 8.46
C MET A 315 6.71 -1.05 8.36
N ALA A 316 7.36 -0.42 9.36
CA ALA A 316 8.82 -0.34 9.41
C ALA A 316 9.44 -1.73 9.41
N ARG A 317 8.92 -2.60 10.26
CA ARG A 317 9.37 -4.00 10.33
CA ARG A 317 9.37 -4.00 10.33
C ARG A 317 9.07 -4.75 9.03
N SER A 318 7.97 -4.38 8.36
CA SER A 318 7.61 -4.97 7.06
C SER A 318 8.65 -4.64 5.98
N VAL A 319 8.93 -3.34 5.80
CA VAL A 319 9.91 -2.91 4.79
C VAL A 319 11.33 -3.38 5.12
N ASP A 320 11.64 -3.47 6.41
CA ASP A 320 12.93 -3.99 6.88
C ASP A 320 13.10 -5.46 6.49
N ALA A 321 12.05 -6.24 6.71
CA ALA A 321 12.04 -7.66 6.33
C ALA A 321 12.21 -7.84 4.84
N TRP A 322 11.53 -7.00 4.04
CA TRP A 322 11.65 -7.03 2.58
C TRP A 322 13.05 -6.67 2.11
N ARG A 323 13.62 -5.62 2.70
CA ARG A 323 14.98 -5.16 2.37
C ARG A 323 15.98 -6.26 2.67
N LYS A 324 15.88 -6.85 3.86
CA LYS A 324 16.78 -7.91 4.29
C LYS A 324 16.67 -9.16 3.40
N LYS A 325 15.46 -9.52 3.01
CA LYS A 325 15.22 -10.67 2.15
C LYS A 325 15.76 -10.43 0.73
N LEU A 326 15.52 -9.24 0.21
CA LEU A 326 16.11 -8.81 -1.08
C LEU A 326 17.64 -8.86 -1.06
N ASP A 327 18.25 -8.36 0.01
CA ASP A 327 19.71 -8.41 0.21
C ASP A 327 20.23 -9.85 0.27
N LYS A 328 19.51 -10.73 0.98
CA LYS A 328 19.86 -12.16 1.08
C LYS A 328 19.76 -12.87 -0.28
N ASN A 329 18.77 -12.48 -1.07
CA ASN A 329 18.50 -13.09 -2.37
C ASN A 329 18.97 -12.22 -3.54
N MET A 330 20.00 -11.41 -3.30
CA MET A 330 20.47 -10.41 -4.26
C MET A 330 20.92 -11.03 -5.59
N GLU A 331 21.80 -12.02 -5.51
CA GLU A 331 22.32 -12.72 -6.69
C GLU A 331 21.19 -13.34 -7.52
N LEU A 332 20.28 -14.04 -6.83
CA LEU A 332 19.10 -14.66 -7.43
C LEU A 332 18.18 -13.64 -8.11
N ALA A 333 17.91 -12.53 -7.42
CA ALA A 333 17.08 -11.44 -7.96
C ALA A 333 17.65 -10.89 -9.26
N ARG A 334 18.97 -10.66 -9.27
CA ARG A 334 19.71 -10.15 -10.44
C ARG A 334 19.55 -11.08 -11.65
N GLU A 335 19.65 -12.39 -11.40
CA GLU A 335 19.51 -13.42 -12.42
C GLU A 335 18.08 -13.49 -12.97
N ILE A 336 17.08 -13.39 -12.08
CA ILE A 336 15.66 -13.41 -12.45
C ILE A 336 15.30 -12.23 -13.36
N LEU A 337 15.80 -11.05 -13.02
CA LEU A 337 15.44 -9.82 -13.70
C LEU A 337 16.13 -9.61 -15.06
N LEU A 338 17.28 -10.25 -15.25
CA LEU A 338 18.13 -10.04 -16.44
C LEU A 338 17.50 -10.32 -17.83
N PRO A 339 16.79 -11.46 -18.00
CA PRO A 339 16.17 -11.72 -19.32
C PRO A 339 15.02 -10.76 -19.66
N GLY A 340 14.26 -10.35 -18.64
CA GLY A 340 13.10 -9.48 -18.82
C GLY A 340 13.43 -8.02 -19.06
N LEU A 341 14.60 -7.58 -18.59
CA LEU A 341 14.98 -6.17 -18.65
C LEU A 341 15.99 -5.84 -19.75
N GLY A 342 17.03 -6.67 -19.89
CA GLY A 342 17.99 -6.52 -20.98
C GLY A 342 19.45 -6.41 -20.57
N SER A 343 19.73 -5.52 -19.63
CA SER A 343 21.09 -5.26 -19.15
C SER A 343 21.19 -5.30 -17.63
N LYS A 344 22.40 -5.62 -17.14
CA LYS A 344 22.71 -5.60 -15.70
C LYS A 344 22.50 -4.24 -15.06
N GLU A 345 22.65 -3.18 -15.86
CA GLU A 345 22.44 -1.79 -15.43
C GLU A 345 20.95 -1.49 -15.22
N ALA A 346 20.09 -2.00 -16.11
CA ALA A 346 18.64 -1.89 -15.97
C ALA A 346 18.09 -2.73 -14.81
N VAL A 347 18.77 -3.84 -14.54
CA VAL A 347 18.49 -4.72 -13.39
C VAL A 347 18.86 -4.01 -12.09
N ASN A 348 20.07 -3.47 -12.03
CA ASN A 348 20.54 -2.67 -10.89
C ASN A 348 19.59 -1.52 -10.57
N GLY A 349 19.03 -0.91 -11.62
CA GLY A 349 18.05 0.18 -11.51
C GLY A 349 16.76 -0.19 -10.80
N VAL A 350 16.18 -1.33 -11.18
CA VAL A 350 14.96 -1.85 -10.55
C VAL A 350 15.23 -2.23 -9.09
N ILE A 351 16.35 -2.92 -8.87
CA ILE A 351 16.78 -3.35 -7.52
C ILE A 351 17.02 -2.17 -6.58
N THR A 352 17.77 -1.17 -7.06
CA THR A 352 18.03 0.06 -6.30
C THR A 352 16.72 0.79 -5.95
N HIS A 353 15.78 0.82 -6.90
CA HIS A 353 14.46 1.42 -6.69
C HIS A 353 13.70 0.75 -5.54
N ILE A 354 13.65 -0.58 -5.55
CA ILE A 354 12.94 -1.37 -4.54
C ILE A 354 13.66 -1.31 -3.19
N ARG A 355 14.98 -1.43 -3.22
CA ARG A 355 15.77 -1.41 -1.99
C ARG A 355 15.70 -0.04 -1.31
N THR A 356 15.77 1.03 -2.08
CA THR A 356 15.69 2.39 -1.56
C THR A 356 14.28 2.69 -1.01
N PHE A 357 13.26 2.16 -1.68
CA PHE A 357 11.88 2.19 -1.18
C PHE A 357 11.80 1.62 0.24
N CYS A 358 12.47 0.50 0.46
CA CYS A 358 12.49 -0.16 1.77
C CYS A 358 13.31 0.62 2.80
N MET A 359 14.48 1.09 2.39
CA MET A 359 15.34 1.92 3.25
C MET A 359 14.63 3.20 3.66
N GLY A 360 14.02 3.85 2.68
CA GLY A 360 13.27 5.08 2.90
C GLY A 360 12.03 4.87 3.74
N GLY A 361 11.30 3.80 3.41
CA GLY A 361 10.11 3.40 4.15
C GLY A 361 10.42 3.15 5.61
N TYR A 362 11.57 2.54 5.89
CA TYR A 362 11.98 2.33 7.27
C TYR A 362 12.06 3.63 8.06
N GLU A 363 12.71 4.63 7.47
CA GLU A 363 12.87 5.95 8.09
C GLU A 363 11.53 6.64 8.26
N GLN A 364 10.67 6.51 7.26
CA GLN A 364 9.35 7.14 7.29
C GLN A 364 8.49 6.57 8.41
N PHE A 365 8.38 5.24 8.45
CA PHE A 365 7.43 4.60 9.36
C PHE A 365 7.94 4.41 10.76
N SER A 366 9.27 4.34 10.92
CA SER A 366 9.86 4.23 12.25
C SER A 366 10.02 5.59 12.94
N TYR A 367 9.76 6.68 12.21
CA TYR A 367 9.98 8.03 12.70
C TYR A 367 9.20 8.20 14.00
N ASN A 368 9.91 8.65 15.05
CA ASN A 368 9.32 8.80 16.39
C ASN A 368 8.58 7.55 16.87
N ASN A 369 9.26 6.41 16.71
CA ASN A 369 8.77 5.09 17.12
C ASN A 369 7.39 4.75 16.56
N GLY A 370 7.18 5.08 15.30
CA GLY A 370 5.96 4.71 14.59
C GLY A 370 4.81 5.66 14.78
N GLU A 371 5.07 6.81 15.39
CA GLU A 371 4.01 7.76 15.76
C GLU A 371 3.89 8.97 14.83
N GLU A 372 4.36 8.83 13.61
CA GLU A 372 4.19 9.86 12.60
C GLU A 372 3.42 9.25 11.42
N TRP A 373 4.12 8.51 10.57
CA TRP A 373 3.48 7.76 9.51
C TRP A 373 3.14 6.37 9.98
N MET A 374 1.93 5.94 9.63
CA MET A 374 1.41 4.66 10.13
C MET A 374 0.34 4.17 9.17
N VAL A 375 -0.50 3.27 9.62
CA VAL A 375 -1.55 2.72 8.80
C VAL A 375 -2.88 3.05 9.44
N ALA A 376 -3.79 3.64 8.66
CA ALA A 376 -5.15 3.91 9.13
C ALA A 376 -6.09 2.85 8.60
N GLN A 377 -7.09 2.50 9.40
CA GLN A 377 -8.09 1.53 8.97
C GLN A 377 -9.45 2.05 9.32
N MET A 378 -10.40 1.88 8.41
CA MET A 378 -11.76 2.36 8.62
C MET A 378 -12.78 1.35 8.14
N LEU A 379 -13.87 1.25 8.88
CA LEU A 379 -14.99 0.40 8.56
C LEU A 379 -16.20 1.28 8.28
N PHE A 380 -16.85 1.04 7.13
CA PHE A 380 -18.00 1.82 6.70
C PHE A 380 -19.18 0.92 6.36
N LYS A 381 -20.38 1.46 6.51
CA LYS A 381 -21.56 0.87 5.89
C LYS A 381 -22.04 1.84 4.80
N LYS A 382 -22.95 1.38 3.96
CA LYS A 382 -23.56 2.23 2.94
C LYS A 382 -24.51 3.24 3.61
N LYS A 383 -24.60 4.42 3.03
CA LYS A 383 -25.55 5.46 3.44
C LYS A 383 -26.99 4.96 3.61
N SAH B . -3.95 -5.06 -1.56
CA SAH B . -2.65 -5.69 -1.97
CB SAH B . -1.88 -4.79 -2.94
CG SAH B . -1.69 -3.35 -2.48
SD SAH B . -0.75 -2.53 -3.73
C SAH B . -1.80 -6.00 -0.77
O SAH B . -2.16 -5.64 0.35
OXT SAH B . -0.73 -6.60 -0.87
C5' SAH B . -1.98 -1.58 -4.57
C4' SAH B . -2.62 -2.45 -5.65
O4' SAH B . -3.73 -1.79 -6.24
C3' SAH B . -1.62 -2.78 -6.77
O3' SAH B . -1.43 -4.20 -6.78
C2' SAH B . -2.26 -2.30 -8.06
O2' SAH B . -2.24 -3.30 -9.08
C1' SAH B . -3.70 -1.99 -7.65
N9 SAH B . -4.24 -0.80 -8.34
C8 SAH B . -3.74 0.45 -8.35
N7 SAH B . -4.55 1.27 -9.09
C5 SAH B . -5.57 0.53 -9.54
C6 SAH B . -6.77 0.75 -10.36
N6 SAH B . -7.05 1.98 -10.86
N1 SAH B . -7.59 -0.32 -10.60
C2 SAH B . -7.35 -1.55 -10.11
N3 SAH B . -6.26 -1.82 -9.34
C4 SAH B . -5.37 -0.85 -9.04
C07 SYT C . 0.78 -0.59 -1.93
N7 SYT C . 1.72 0.51 -1.74
C8 SYT C . 2.85 0.39 -2.71
C8A SYT C . 3.87 -0.65 -2.30
C9 SYT C . 4.80 -1.15 -3.20
O18 SYT C . 5.00 -0.86 -4.52
C15 SYT C . 6.10 -1.71 -5.05
O19 SYT C . 6.55 -2.49 -3.85
C10 SYT C . 5.76 -2.17 -2.78
C11 SYT C . 5.80 -2.67 -1.48
C12 SYT C . 4.87 -2.17 -0.56
C12A SYT C . 3.92 -1.19 -0.90
C13 SYT C . 2.95 -0.70 0.15
C13A SYT C . 2.15 0.54 -0.32
C13B SYT C . 2.85 1.83 0.00
C4A SYT C . 2.33 3.09 -0.65
C5 SYT C . 1.17 3.06 -1.60
C6 SYT C . 0.85 1.66 -2.14
C1 SYT C . 3.94 1.88 0.88
C2 SYT C . 4.49 3.14 1.09
O16 SYT C . 5.55 3.50 1.88
C14 SYT C . 5.77 4.92 1.72
O17 SYT C . 4.73 5.42 0.87
C3 SYT C . 3.99 4.35 0.46
C4 SYT C . 2.91 4.33 -0.42
#